data_5DMB
#
_entry.id   5DMB
#
_cell.length_a   108.876
_cell.length_b   61.681
_cell.length_c   42.902
_cell.angle_alpha   90.00
_cell.angle_beta   98.08
_cell.angle_gamma   90.00
#
_symmetry.space_group_name_H-M   'C 1 2 1'
#
loop_
_entity.id
_entity.type
_entity.pdbx_description
1 polymer 'Flagellar assembly factor FliW'
2 polymer 'Carbon storage regulator homolog'
3 water water
#
loop_
_entity_poly.entity_id
_entity_poly.type
_entity_poly.pdbx_seq_one_letter_code
_entity_poly.pdbx_strand_id
1 'polypeptide(L)'
;MGKIATKYHGDIEIHEKDIVRFEQGIPGFLEEKQFVLLQLEDTPFIILQSVNTPALGFVLIEPFSYFPTYEIDLDDNTLE
QLQITGEQDVALYVILTVADPFDDTTANLQAPIVINVHKRLGKQVILTNTNYKTKHRLFPEKVAKHHHHHH
;
A
2 'polypeptide(L)'
;MGLVLTRKLKEAIQIGDDIEITVLAIQGDQVKLGINAPKHVEIHRKEIYLAIQAENNAASHASKSSLKRLNEQLKHLKGG
KQA
;
D
#
# COMPACT_ATOMS: atom_id res chain seq x y z
N ILE A 4 -15.73 5.48 17.46
CA ILE A 4 -14.29 5.28 17.37
C ILE A 4 -13.58 6.62 17.52
N ALA A 5 -12.52 6.69 18.35
CA ALA A 5 -11.75 7.93 18.38
C ALA A 5 -10.93 7.93 17.11
N THR A 6 -10.57 9.11 16.61
CA THR A 6 -9.82 9.20 15.36
C THR A 6 -8.58 10.05 15.54
N LYS A 7 -7.73 10.08 14.52
CA LYS A 7 -6.47 10.81 14.61
C LYS A 7 -6.67 12.31 14.37
N TYR A 8 -7.53 12.65 13.43
CA TYR A 8 -7.68 14.02 12.99
C TYR A 8 -9.11 14.58 13.15
N HIS A 9 -10.06 13.69 13.21
CA HIS A 9 -11.45 14.08 13.26
C HIS A 9 -12.17 14.04 14.59
N GLY A 10 -11.43 13.83 15.66
CA GLY A 10 -12.05 13.76 16.97
C GLY A 10 -12.84 12.48 17.06
N ASP A 11 -13.84 12.43 17.93
CA ASP A 11 -14.62 11.23 18.05
C ASP A 11 -15.78 11.19 17.12
N ILE A 12 -15.81 10.19 16.27
CA ILE A 12 -16.92 9.96 15.37
C ILE A 12 -17.37 8.54 15.58
N GLU A 13 -18.58 8.23 15.19
CA GLU A 13 -18.84 6.83 14.91
C GLU A 13 -19.48 6.70 13.57
N ILE A 14 -19.55 5.43 13.18
CA ILE A 14 -19.59 5.02 11.81
C ILE A 14 -20.52 3.86 11.70
N HIS A 15 -20.98 3.58 10.49
CA HIS A 15 -21.73 2.36 10.28
C HIS A 15 -20.82 1.39 9.54
N GLU A 16 -21.11 0.11 9.64
CA GLU A 16 -20.18 -0.90 9.17
C GLU A 16 -20.07 -0.97 7.66
N LYS A 17 -20.96 -0.33 6.92
CA LYS A 17 -20.79 -0.32 5.47
C LYS A 17 -19.80 0.77 5.06
N ASP A 18 -19.40 1.61 6.03
CA ASP A 18 -18.27 2.52 5.82
C ASP A 18 -16.92 1.77 5.80
N ILE A 19 -16.83 0.70 6.56
CA ILE A 19 -15.54 0.08 6.88
C ILE A 19 -14.96 -0.69 5.71
N VAL A 20 -13.73 -0.35 5.36
CA VAL A 20 -13.04 -1.08 4.33
C VAL A 20 -12.19 -2.12 5.01
N ARG A 21 -12.31 -3.38 4.57
CA ARG A 21 -11.48 -4.43 5.15
C ARG A 21 -10.20 -4.61 4.37
N PHE A 22 -9.08 -4.66 5.08
CA PHE A 22 -7.78 -4.96 4.51
C PHE A 22 -7.37 -6.29 5.11
N GLU A 23 -7.68 -7.36 4.40
CA GLU A 23 -7.46 -8.67 4.92
C GLU A 23 -6.04 -8.85 5.25
N GLN A 24 -5.18 -8.33 4.42
CA GLN A 24 -3.79 -8.44 4.69
C GLN A 24 -3.25 -7.33 5.52
N GLY A 25 -4.06 -6.33 5.78
CA GLY A 25 -3.61 -5.15 6.49
C GLY A 25 -2.71 -4.52 5.46
N ILE A 26 -1.64 -3.89 5.88
CA ILE A 26 -0.67 -3.36 4.92
C ILE A 26 0.73 -3.63 5.48
N PRO A 27 1.72 -3.70 4.63
CA PRO A 27 3.04 -3.98 5.14
C PRO A 27 3.38 -2.99 6.21
N GLY A 28 3.86 -3.51 7.31
CA GLY A 28 4.22 -2.75 8.49
C GLY A 28 3.12 -2.65 9.52
N PHE A 29 1.89 -2.95 9.13
CA PHE A 29 0.76 -2.91 10.04
C PHE A 29 -0.15 -4.04 9.63
N LEU A 30 0.34 -5.26 9.68
CA LEU A 30 -0.41 -6.40 9.14
C LEU A 30 -1.72 -6.69 9.86
N GLU A 31 -1.79 -6.37 11.15
CA GLU A 31 -2.99 -6.70 11.90
C GLU A 31 -4.03 -5.58 11.85
N GLU A 32 -3.66 -4.44 11.28
CA GLU A 32 -4.63 -3.37 11.03
C GLU A 32 -5.54 -3.76 9.87
N LYS A 33 -6.70 -4.32 10.16
CA LYS A 33 -7.49 -4.87 9.08
C LYS A 33 -8.81 -4.13 8.89
N GLN A 34 -8.99 -3.02 9.60
CA GLN A 34 -10.19 -2.22 9.40
C GLN A 34 -9.88 -0.72 9.34
N PHE A 35 -10.38 -0.08 8.30
CA PHE A 35 -10.15 1.34 8.07
C PHE A 35 -11.39 2.02 7.53
N VAL A 36 -11.46 3.32 7.77
CA VAL A 36 -12.48 4.14 7.17
C VAL A 36 -11.79 5.31 6.46
N LEU A 37 -12.40 5.83 5.41
CA LEU A 37 -11.78 6.90 4.63
C LEU A 37 -12.48 8.20 4.91
N LEU A 38 -11.72 9.19 5.41
CA LEU A 38 -12.27 10.45 5.90
C LEU A 38 -11.57 11.66 5.28
N GLN A 39 -12.30 12.46 4.52
CA GLN A 39 -11.72 13.68 3.96
C GLN A 39 -11.34 14.59 5.10
N LEU A 40 -10.24 15.30 4.94
CA LEU A 40 -9.90 16.36 5.84
C LEU A 40 -10.31 17.64 5.11
N GLU A 41 -11.33 18.33 5.59
CA GLU A 41 -11.71 19.61 4.97
C GLU A 41 -10.66 20.62 5.38
N ASP A 42 -10.35 21.61 4.55
CA ASP A 42 -10.80 21.76 3.18
C ASP A 42 -9.59 21.44 2.32
N THR A 43 -9.24 20.15 2.29
CA THR A 43 -7.97 19.72 1.73
C THR A 43 -8.18 18.61 0.75
N PRO A 44 -7.18 18.35 -0.12
CA PRO A 44 -7.34 17.19 -0.98
C PRO A 44 -6.96 15.89 -0.29
N PHE A 45 -6.79 15.91 1.04
CA PHE A 45 -6.27 14.75 1.75
C PHE A 45 -7.39 13.80 2.16
N ILE A 46 -7.22 12.52 1.84
CA ILE A 46 -8.10 11.49 2.36
C ILE A 46 -7.34 10.77 3.45
N ILE A 47 -7.96 10.65 4.61
CA ILE A 47 -7.35 9.99 5.76
C ILE A 47 -7.81 8.54 5.84
N LEU A 48 -6.88 7.63 5.64
CA LEU A 48 -7.14 6.22 5.79
C LEU A 48 -7.03 5.96 7.27
N GLN A 49 -8.17 5.95 7.96
CA GLN A 49 -8.17 5.91 9.42
C GLN A 49 -8.52 4.54 10.00
N SER A 50 -7.70 4.08 10.94
CA SER A 50 -7.93 2.82 11.62
C SER A 50 -9.17 2.84 12.47
N VAL A 51 -10.07 1.91 12.19
CA VAL A 51 -11.18 1.67 13.10
C VAL A 51 -10.68 1.09 14.45
N ASN A 52 -9.49 0.46 14.51
CA ASN A 52 -9.17 -0.15 15.80
C ASN A 52 -7.99 0.54 16.50
N THR A 53 -7.31 1.42 15.77
CA THR A 53 -6.28 2.25 16.38
C THR A 53 -6.51 3.74 16.12
N PRO A 54 -7.12 4.45 17.10
CA PRO A 54 -7.34 5.89 17.00
C PRO A 54 -6.14 6.71 16.50
N ALA A 55 -4.94 6.35 16.94
CA ALA A 55 -3.75 7.11 16.59
C ALA A 55 -3.15 6.73 15.23
N LEU A 56 -3.74 5.75 14.54
CA LEU A 56 -3.24 5.39 13.19
C LEU A 56 -4.11 5.96 12.07
N GLY A 57 -3.55 6.90 11.31
CA GLY A 57 -4.22 7.45 10.14
C GLY A 57 -3.21 7.84 9.07
N PHE A 58 -3.36 7.29 7.87
CA PHE A 58 -2.45 7.58 6.77
C PHE A 58 -3.03 8.69 5.93
N VAL A 59 -2.17 9.49 5.30
CA VAL A 59 -2.63 10.58 4.46
C VAL A 59 -2.56 10.18 2.98
N LEU A 60 -3.73 10.19 2.35
CA LEU A 60 -3.89 9.73 0.97
C LEU A 60 -4.25 10.88 0.07
N ILE A 61 -3.91 10.73 -1.20
CA ILE A 61 -4.29 11.72 -2.18
C ILE A 61 -4.66 10.95 -3.43
N GLU A 62 -5.54 11.48 -4.27
CA GLU A 62 -5.83 10.80 -5.52
C GLU A 62 -4.63 11.15 -6.39
N PRO A 63 -3.97 10.14 -6.92
CA PRO A 63 -2.70 10.28 -7.62
C PRO A 63 -2.79 11.18 -8.78
N PHE A 64 -3.91 11.13 -9.44
CA PHE A 64 -4.12 11.87 -10.64
C PHE A 64 -3.99 13.36 -10.63
N SER A 65 -4.41 14.03 -9.57
CA SER A 65 -4.29 15.46 -9.56
C SER A 65 -2.85 15.91 -9.64
N TYR A 66 -1.95 15.19 -9.00
CA TYR A 66 -0.56 15.57 -8.97
C TYR A 66 0.40 14.82 -9.88
N PHE A 67 -0.05 13.71 -10.43
CA PHE A 67 0.68 12.90 -11.39
C PHE A 67 -0.29 12.49 -12.46
N PRO A 68 -0.54 13.39 -13.41
CA PRO A 68 -1.50 13.10 -14.49
C PRO A 68 -1.17 11.78 -15.17
N THR A 69 0.11 11.63 -15.51
CA THR A 69 0.64 10.45 -16.20
C THR A 69 0.39 9.11 -15.51
N TYR A 70 0.13 9.15 -14.21
CA TYR A 70 0.09 7.95 -13.38
C TYR A 70 -0.90 6.92 -13.88
N GLU A 71 -0.42 5.92 -14.60
CA GLU A 71 -1.32 4.82 -14.91
C GLU A 71 -0.75 3.49 -14.50
N ILE A 72 -1.68 2.57 -14.24
CA ILE A 72 -1.42 1.44 -13.38
C ILE A 72 -2.16 0.20 -13.87
N ASP A 73 -1.47 -0.94 -13.79
CA ASP A 73 -2.05 -2.18 -14.27
C ASP A 73 -2.16 -3.21 -13.16
N LEU A 74 -3.40 -3.57 -12.82
CA LEU A 74 -3.66 -4.52 -11.75
C LEU A 74 -3.44 -5.98 -12.15
N ASP A 75 -2.41 -6.60 -11.57
CA ASP A 75 -2.18 -8.01 -11.73
C ASP A 75 -3.46 -8.75 -11.36
N ASP A 76 -3.76 -9.81 -12.12
CA ASP A 76 -5.05 -10.47 -11.97
C ASP A 76 -5.15 -11.06 -10.57
N ASN A 77 -4.01 -11.35 -9.95
CA ASN A 77 -4.02 -11.64 -8.52
C ASN A 77 -4.81 -10.57 -7.78
N THR A 78 -4.23 -9.37 -7.71
CA THR A 78 -4.87 -8.20 -7.11
C THR A 78 -6.31 -8.08 -7.56
N LEU A 79 -6.52 -8.21 -8.87
CA LEU A 79 -7.86 -8.10 -9.47
C LEU A 79 -8.91 -8.94 -8.77
N GLU A 80 -8.48 -9.91 -7.97
CA GLU A 80 -9.44 -10.84 -7.42
C GLU A 80 -9.24 -11.21 -5.95
N GLN A 81 -8.26 -10.61 -5.30
CA GLN A 81 -8.29 -10.67 -3.84
C GLN A 81 -9.15 -9.50 -3.41
N LEU A 82 -9.21 -8.51 -4.28
CA LEU A 82 -10.18 -7.42 -4.14
C LEU A 82 -11.52 -7.86 -4.66
N GLN A 83 -11.52 -8.87 -5.53
CA GLN A 83 -12.71 -9.44 -6.16
C GLN A 83 -13.42 -8.49 -7.12
N ILE A 84 -12.70 -7.70 -7.91
CA ILE A 84 -13.40 -6.71 -8.74
C ILE A 84 -14.00 -7.35 -10.00
N THR A 85 -15.09 -6.75 -10.47
CA THR A 85 -15.83 -7.26 -11.62
C THR A 85 -15.49 -6.44 -12.87
N GLY A 86 -15.07 -5.20 -12.63
CA GLY A 86 -14.72 -4.28 -13.70
C GLY A 86 -14.23 -2.94 -13.16
N GLU A 87 -14.45 -1.87 -13.92
CA GLU A 87 -14.00 -0.56 -13.54
C GLU A 87 -14.82 0.06 -12.49
N GLN A 88 -16.12 0.10 -12.73
CA GLN A 88 -17.10 0.81 -11.95
C GLN A 88 -16.60 0.82 -10.57
N ASP A 89 -16.23 -0.33 -10.13
CA ASP A 89 -15.52 -0.45 -8.92
C ASP A 89 -14.49 0.23 -9.84
N VAL A 90 -13.35 0.81 -9.41
CA VAL A 90 -12.68 0.81 -8.13
C VAL A 90 -11.99 2.15 -7.86
N ALA A 91 -11.65 2.40 -6.59
CA ALA A 91 -10.99 3.63 -6.13
C ALA A 91 -9.48 3.49 -5.99
N LEU A 92 -8.73 4.51 -6.36
CA LEU A 92 -7.29 4.44 -6.32
C LEU A 92 -6.65 5.60 -5.59
N TYR A 93 -5.75 5.34 -4.65
CA TYR A 93 -5.06 6.39 -3.89
C TYR A 93 -3.57 6.12 -3.71
N VAL A 94 -2.81 7.17 -3.38
CA VAL A 94 -1.40 7.02 -2.97
C VAL A 94 -1.15 7.52 -1.55
N ILE A 95 -0.22 6.88 -0.84
CA ILE A 95 0.16 7.27 0.51
C ILE A 95 1.19 8.39 0.46
N LEU A 96 0.88 9.48 1.13
CA LEU A 96 1.81 10.60 1.26
C LEU A 96 2.79 10.39 2.41
N THR A 97 4.04 10.74 2.20
CA THR A 97 4.98 10.86 3.30
C THR A 97 5.27 12.34 3.52
N VAL A 98 4.51 12.97 4.40
CA VAL A 98 4.69 14.39 4.66
C VAL A 98 6.01 14.55 5.37
N ALA A 99 6.91 15.32 4.76
CA ALA A 99 8.29 15.43 5.22
C ALA A 99 8.59 16.73 5.92
N ASP A 100 9.74 16.78 6.56
CA ASP A 100 10.34 18.00 7.11
C ASP A 100 11.51 18.41 6.22
N PRO A 101 11.36 19.49 5.45
CA PRO A 101 10.22 20.39 5.47
C PRO A 101 9.15 19.93 4.50
N PHE A 102 8.05 20.65 4.45
CA PHE A 102 6.86 20.26 3.68
C PHE A 102 7.13 20.00 2.21
N ASP A 103 8.10 20.71 1.61
CA ASP A 103 8.28 20.61 0.15
C ASP A 103 9.09 19.40 -0.29
N ASP A 104 9.51 18.55 0.64
CA ASP A 104 10.04 17.26 0.28
C ASP A 104 8.97 16.16 0.43
N THR A 105 7.70 16.56 0.53
CA THR A 105 6.62 15.59 0.63
C THR A 105 6.66 14.69 -0.60
N THR A 106 6.49 13.39 -0.36
CA THR A 106 6.51 12.42 -1.44
C THR A 106 5.31 11.48 -1.39
N ALA A 107 5.00 10.92 -2.55
CA ALA A 107 3.90 10.01 -2.70
C ALA A 107 4.47 8.64 -3.08
N ASN A 108 3.91 7.59 -2.52
CA ASN A 108 4.37 6.24 -2.82
C ASN A 108 3.63 5.71 -4.03
N LEU A 109 4.16 5.97 -5.22
CA LEU A 109 3.49 5.54 -6.45
C LEU A 109 3.64 4.04 -6.77
N GLN A 110 4.64 3.40 -6.18
CA GLN A 110 4.92 1.98 -6.41
C GLN A 110 4.00 1.08 -5.63
N ALA A 111 3.26 1.66 -4.69
CA ALA A 111 2.44 0.88 -3.78
C ALA A 111 1.18 1.63 -3.43
N PRO A 112 0.33 1.87 -4.43
CA PRO A 112 -0.89 2.62 -4.15
C PRO A 112 -1.81 1.79 -3.28
N ILE A 113 -2.78 2.46 -2.67
CA ILE A 113 -3.89 1.82 -1.96
C ILE A 113 -5.05 1.65 -2.95
N VAL A 114 -5.52 0.42 -3.11
CA VAL A 114 -6.63 0.20 -4.04
C VAL A 114 -7.82 -0.36 -3.29
N ILE A 115 -8.97 0.27 -3.52
CA ILE A 115 -10.20 -0.12 -2.86
C ILE A 115 -11.30 -0.28 -3.90
N ASN A 116 -12.23 -1.17 -3.62
CA ASN A 116 -13.47 -1.25 -4.38
C ASN A 116 -14.65 -0.77 -3.54
N VAL A 117 -15.17 0.40 -3.90
CA VAL A 117 -16.06 1.16 -3.04
C VAL A 117 -17.40 0.46 -2.83
N HIS A 118 -17.63 -0.62 -3.55
CA HIS A 118 -18.91 -1.29 -3.44
C HIS A 118 -18.88 -2.52 -2.53
N LYS A 119 -17.76 -3.24 -2.51
CA LYS A 119 -17.66 -4.44 -1.67
C LYS A 119 -16.87 -4.18 -0.42
N ARG A 120 -16.38 -2.94 -0.31
CA ARG A 120 -15.62 -2.50 0.85
C ARG A 120 -14.40 -3.39 1.11
N LEU A 121 -13.61 -3.62 0.05
CA LEU A 121 -12.38 -4.40 0.16
C LEU A 121 -11.19 -3.52 -0.15
N GLY A 122 -10.14 -3.65 0.64
CA GLY A 122 -8.96 -2.82 0.45
C GLY A 122 -7.65 -3.58 0.36
N LYS A 123 -6.68 -2.98 -0.32
CA LYS A 123 -5.35 -3.56 -0.39
C LYS A 123 -4.30 -2.52 -0.79
N GLN A 124 -3.09 -2.67 -0.26
CA GLN A 124 -1.94 -1.93 -0.79
C GLN A 124 -1.30 -2.79 -1.85
N VAL A 125 -1.33 -2.28 -3.08
CA VAL A 125 -0.89 -3.06 -4.22
C VAL A 125 0.54 -2.73 -4.53
N ILE A 126 1.43 -3.69 -4.34
CA ILE A 126 2.80 -3.47 -4.74
C ILE A 126 2.94 -3.65 -6.24
N LEU A 127 3.01 -2.54 -6.97
CA LEU A 127 3.15 -2.61 -8.41
C LEU A 127 4.48 -3.27 -8.79
N THR A 128 4.35 -4.38 -9.52
CA THR A 128 5.49 -5.15 -10.03
C THR A 128 5.77 -4.77 -11.46
N ASN A 129 7.03 -4.90 -11.89
CA ASN A 129 7.39 -4.68 -13.29
C ASN A 129 7.06 -3.24 -13.70
N THR A 130 7.63 -2.29 -12.96
CA THR A 130 7.34 -0.87 -13.18
C THR A 130 8.49 0.02 -12.72
N ASN A 131 8.59 1.22 -13.27
CA ASN A 131 9.63 2.17 -12.91
C ASN A 131 9.16 3.19 -11.88
N TYR A 132 8.07 2.88 -11.18
CA TYR A 132 7.56 3.77 -10.16
C TYR A 132 8.35 3.60 -8.87
N LYS A 133 8.62 4.73 -8.20
CA LYS A 133 9.39 4.74 -6.97
C LYS A 133 8.50 4.70 -5.75
N THR A 134 9.14 4.56 -4.60
CA THR A 134 8.41 4.54 -3.36
C THR A 134 8.28 5.97 -2.82
N LYS A 135 9.08 6.88 -3.37
CA LYS A 135 9.06 8.29 -3.03
C LYS A 135 9.12 9.15 -4.28
N HIS A 136 7.97 9.71 -4.66
CA HIS A 136 7.89 10.68 -5.75
C HIS A 136 7.50 12.05 -5.16
N ARG A 137 8.36 13.06 -5.33
CA ARG A 137 8.13 14.38 -4.76
C ARG A 137 6.85 15.02 -5.31
N LEU A 138 6.08 15.67 -4.44
CA LEU A 138 4.99 16.54 -4.90
C LEU A 138 5.50 17.82 -5.58
N PHE A 139 6.57 18.38 -5.04
CA PHE A 139 7.10 19.67 -5.47
C PHE A 139 8.45 19.55 -6.19
N PRO A 140 8.66 20.39 -7.21
CA PRO A 140 10.03 20.45 -7.74
C PRO A 140 10.98 20.96 -6.66
N GLU A 141 12.20 20.44 -6.61
CA GLU A 141 13.19 20.87 -5.62
C GLU A 141 13.84 22.19 -6.07
N LYS A 142 13.54 23.27 -5.34
CA LYS A 142 14.15 24.56 -5.64
C LYS A 142 15.57 24.60 -5.09
N VAL A 143 16.51 25.07 -5.91
CA VAL A 143 17.88 25.33 -5.51
C VAL A 143 18.55 24.11 -4.84
N LEU B 3 14.82 -22.95 9.53
CA LEU B 3 15.19 -24.20 8.88
C LEU B 3 16.09 -23.97 7.68
N VAL B 4 17.24 -24.64 7.69
CA VAL B 4 18.15 -24.62 6.54
C VAL B 4 18.04 -25.95 5.77
N LEU B 5 18.10 -25.89 4.44
CA LEU B 5 18.04 -27.08 3.59
C LEU B 5 19.04 -26.97 2.43
N THR B 6 19.36 -28.10 1.81
CA THR B 6 20.17 -28.07 0.60
C THR B 6 19.35 -28.68 -0.53
N ARG B 7 19.34 -27.99 -1.67
CA ARG B 7 18.59 -28.44 -2.82
C ARG B 7 19.46 -28.39 -4.06
N LYS B 8 19.48 -29.51 -4.75
CA LYS B 8 20.19 -29.68 -5.98
C LYS B 8 19.28 -29.05 -6.97
N LEU B 9 19.60 -29.12 -8.23
CA LEU B 9 18.91 -28.36 -9.21
C LEU B 9 17.43 -28.36 -9.38
N LYS B 10 16.78 -29.48 -9.52
CA LYS B 10 15.34 -29.43 -9.72
C LYS B 10 14.64 -29.90 -8.50
N GLU B 11 15.38 -29.83 -7.42
CA GLU B 11 14.84 -30.26 -6.13
C GLU B 11 14.02 -29.16 -5.46
N ALA B 12 12.79 -29.50 -5.12
CA ALA B 12 11.82 -28.53 -4.63
C ALA B 12 11.61 -28.61 -3.13
N ILE B 13 10.98 -27.59 -2.58
CA ILE B 13 10.66 -27.53 -1.15
C ILE B 13 9.16 -27.35 -0.99
N GLN B 14 8.58 -28.01 0.01
CA GLN B 14 7.16 -27.91 0.25
C GLN B 14 6.86 -27.15 1.53
N ILE B 15 6.07 -26.06 1.42
CA ILE B 15 5.76 -25.19 2.55
C ILE B 15 4.25 -25.07 2.74
N GLY B 16 3.76 -25.57 3.89
CA GLY B 16 2.33 -25.71 4.09
C GLY B 16 1.63 -26.56 3.04
N ASP B 17 0.41 -26.16 2.65
CA ASP B 17 -0.52 -27.03 1.90
C ASP B 17 -0.97 -26.69 0.45
N ASP B 18 -0.34 -25.77 -0.29
CA ASP B 18 1.07 -25.52 -0.18
C ASP B 18 1.61 -24.32 -0.92
N ILE B 19 2.77 -23.91 -0.44
CA ILE B 19 3.73 -23.18 -1.24
C ILE B 19 4.80 -24.16 -1.65
N GLU B 20 5.22 -24.13 -2.90
CA GLU B 20 6.35 -24.97 -3.29
C GLU B 20 7.45 -24.14 -3.98
N ILE B 21 8.64 -24.21 -3.40
CA ILE B 21 9.82 -23.60 -3.99
C ILE B 21 10.59 -24.56 -4.87
N THR B 22 10.70 -24.24 -6.15
CA THR B 22 11.39 -25.09 -7.09
C THR B 22 12.67 -24.45 -7.62
N VAL B 23 13.82 -24.92 -7.13
CA VAL B 23 15.09 -24.53 -7.71
C VAL B 23 15.08 -24.81 -9.21
N LEU B 24 15.13 -23.77 -10.03
CA LEU B 24 14.97 -23.93 -11.47
C LEU B 24 16.27 -23.74 -12.26
N ALA B 25 17.29 -23.19 -11.62
CA ALA B 25 18.58 -22.97 -12.28
C ALA B 25 19.65 -22.45 -11.31
N ILE B 26 20.89 -22.91 -11.48
CA ILE B 26 22.01 -22.35 -10.72
C ILE B 26 23.03 -21.69 -11.66
N GLN B 27 23.11 -20.37 -11.57
CA GLN B 27 23.83 -19.48 -12.48
C GLN B 27 25.14 -18.65 -12.42
N GLY B 28 26.07 -18.73 -11.50
CA GLY B 28 26.10 -19.41 -10.25
C GLY B 28 26.38 -18.33 -9.21
N ASP B 29 26.19 -17.06 -9.54
CA ASP B 29 26.34 -16.00 -8.62
C ASP B 29 24.92 -15.86 -8.15
N GLN B 30 24.03 -16.51 -8.86
CA GLN B 30 22.60 -16.43 -8.58
C GLN B 30 21.82 -17.71 -8.86
N VAL B 31 20.68 -17.85 -8.19
CA VAL B 31 19.78 -18.97 -8.38
C VAL B 31 18.44 -18.52 -8.94
N LYS B 32 17.90 -19.27 -9.89
CA LYS B 32 16.65 -18.92 -10.51
C LYS B 32 15.52 -19.72 -9.86
N LEU B 33 14.99 -19.19 -8.77
CA LEU B 33 13.97 -19.88 -8.02
C LEU B 33 12.61 -19.77 -8.68
N GLY B 34 11.76 -20.75 -8.40
CA GLY B 34 10.38 -20.75 -8.87
C GLY B 34 9.53 -20.91 -7.64
N ILE B 35 8.45 -20.16 -7.55
CA ILE B 35 7.64 -20.20 -6.34
C ILE B 35 6.18 -20.35 -6.70
N ASN B 36 5.62 -21.52 -6.39
CA ASN B 36 4.21 -21.73 -6.64
C ASN B 36 3.45 -21.59 -5.35
N ALA B 37 2.41 -20.75 -5.39
CA ALA B 37 1.57 -20.48 -4.23
C ALA B 37 0.17 -20.09 -4.72
N PRO B 38 -0.84 -20.22 -3.83
CA PRO B 38 -2.18 -19.75 -4.20
C PRO B 38 -2.13 -18.24 -4.34
N LYS B 39 -3.03 -17.64 -5.10
CA LYS B 39 -2.86 -16.20 -5.26
C LYS B 39 -3.71 -15.40 -4.28
N HIS B 40 -3.94 -15.94 -3.10
CA HIS B 40 -4.33 -15.10 -1.96
C HIS B 40 -3.04 -14.73 -1.24
N VAL B 41 -1.93 -15.33 -1.68
CA VAL B 41 -0.61 -15.08 -1.11
C VAL B 41 0.35 -14.48 -2.14
N GLU B 42 0.93 -13.34 -1.80
CA GLU B 42 1.87 -12.71 -2.69
C GLU B 42 3.29 -12.96 -2.31
N ILE B 43 4.12 -12.88 -3.33
CA ILE B 43 5.53 -13.18 -3.24
C ILE B 43 6.28 -11.95 -3.72
N HIS B 44 7.27 -11.52 -2.96
CA HIS B 44 8.08 -10.40 -3.41
C HIS B 44 9.52 -10.62 -3.03
N ARG B 45 10.40 -9.97 -3.78
CA ARG B 45 11.78 -9.81 -3.37
C ARG B 45 11.79 -9.12 -2.02
N LYS B 46 12.67 -9.57 -1.12
CA LYS B 46 12.63 -9.06 0.25
C LYS B 46 12.94 -7.55 0.29
N GLU B 47 13.94 -7.13 -0.47
CA GLU B 47 14.36 -5.73 -0.48
C GLU B 47 13.23 -4.80 -0.92
N ILE B 48 12.36 -5.26 -1.81
CA ILE B 48 11.23 -4.45 -2.25
C ILE B 48 10.20 -4.35 -1.14
N TYR B 49 9.93 -5.47 -0.49
CA TYR B 49 8.90 -5.52 0.54
C TYR B 49 9.32 -4.69 1.76
N LEU B 50 10.58 -4.80 2.15
CA LEU B 50 11.10 -4.02 3.27
C LEU B 50 10.99 -2.50 3.02
N ALA B 51 11.32 -2.08 1.79
CA ALA B 51 11.28 -0.65 1.44
C ALA B 51 9.90 -0.10 1.63
N ILE B 52 8.89 -0.89 1.23
CA ILE B 52 7.52 -0.41 1.24
C ILE B 52 6.97 -0.41 2.68
N GLN B 53 7.45 -1.35 3.47
CA GLN B 53 7.22 -1.37 4.90
C GLN B 53 7.76 -0.06 5.48
N ALA B 54 9.01 0.24 5.15
CA ALA B 54 9.69 1.41 5.67
C ALA B 54 8.91 2.70 5.39
N GLU B 55 8.43 2.85 4.16
CA GLU B 55 7.79 4.06 3.73
C GLU B 55 6.40 4.13 4.36
N ASN B 56 5.74 2.98 4.52
CA ASN B 56 4.46 2.96 5.24
C ASN B 56 4.64 3.51 6.65
N ASN B 57 5.62 2.98 7.37
CA ASN B 57 5.94 3.48 8.70
C ASN B 57 6.29 4.97 8.69
N ALA B 58 7.11 5.39 7.73
CA ALA B 58 7.51 6.79 7.63
C ALA B 58 6.28 7.68 7.39
N ALA B 59 5.28 7.13 6.72
CA ALA B 59 4.06 7.87 6.39
C ALA B 59 3.00 7.92 7.49
N SER B 60 3.27 7.27 8.62
CA SER B 60 2.27 7.18 9.69
C SER B 60 2.43 8.22 10.79
N HIS B 61 3.14 9.32 10.51
CA HIS B 61 3.47 10.32 11.54
C HIS B 61 3.12 11.74 11.15
N ALA B 62 2.07 11.91 10.35
CA ALA B 62 1.75 13.25 9.86
C ALA B 62 0.88 13.98 10.88
N SER B 63 1.45 15.04 11.43
CA SER B 63 0.77 15.87 12.40
C SER B 63 -0.31 16.69 11.74
N LYS B 64 -1.31 17.06 12.52
CA LYS B 64 -2.39 17.89 12.01
C LYS B 64 -1.89 19.27 11.59
N SER B 65 -0.84 19.76 12.25
CA SER B 65 -0.27 21.06 11.88
C SER B 65 0.34 20.96 10.49
N SER B 66 1.12 19.90 10.30
CA SER B 66 1.79 19.61 9.04
C SER B 66 0.86 19.63 7.84
N LEU B 67 -0.30 19.02 7.98
CA LEU B 67 -1.21 18.93 6.85
C LEU B 67 -1.85 20.28 6.56
N LYS B 68 -2.12 21.06 7.61
CA LYS B 68 -2.64 22.40 7.40
C LYS B 68 -1.64 23.22 6.59
N ARG B 69 -0.39 23.24 7.03
CA ARG B 69 0.67 23.93 6.28
C ARG B 69 0.83 23.38 4.86
N LEU B 70 0.78 22.05 4.71
CA LEU B 70 0.92 21.43 3.41
C LEU B 70 -0.23 21.77 2.47
N ASN B 71 -1.45 21.79 2.98
CA ASN B 71 -2.60 22.21 2.18
C ASN B 71 -2.43 23.64 1.65
N GLU B 72 -2.09 24.55 2.55
CA GLU B 72 -1.88 25.94 2.17
C GLU B 72 -0.98 26.01 0.93
N GLN B 73 0.26 25.54 1.12
CA GLN B 73 1.25 25.60 0.07
C GLN B 73 0.88 24.87 -1.22
N LEU B 74 -0.18 24.05 -1.18
CA LEU B 74 -0.55 23.21 -2.32
C LEU B 74 -1.36 23.96 -3.37
#